data_1SL8
#
_entry.id   1SL8
#
_cell.length_a   54.371
_cell.length_b   54.371
_cell.length_c   135.109
_cell.angle_alpha   90.00
_cell.angle_beta   90.00
_cell.angle_gamma   90.00
#
_symmetry.space_group_name_H-M   'P 43 21 2'
#
loop_
_entity.id
_entity.type
_entity.pdbx_description
1 polymer 'Aequorin 1'
2 non-polymer 'CALCIUM ION'
3 water water
#
_entity_poly.entity_id   1
_entity_poly.type   'polypeptide(L)'
_entity_poly.pdbx_seq_one_letter_code
;MSVKLTPDFDNPKWIGRHKHMFNFLDVNHNGRISLDEMVYKASDIVINNLGATPEQAKRHKDAVEAFFGGAGMKYGVETE
WPEYIEGWKRLASEELKRYSKNQITLIRLWGDALFDIIDKDQNGAISLDEWKAYTKSAGIIQSSEDCEETFRVCDIDESG
QLDVDEMTRQHLGFWYTMDPACEKLYGGAVP
;
_entity_poly.pdbx_strand_id   A
#
# COMPACT_ATOMS: atom_id res chain seq x y z
N ASN A 11 3.62 10.01 16.02
CA ASN A 11 3.72 8.98 14.92
C ASN A 11 4.57 9.35 13.69
N PRO A 12 5.85 9.71 13.88
CA PRO A 12 6.68 10.23 12.79
C PRO A 12 6.90 9.21 11.65
N LYS A 13 6.95 7.93 11.96
CA LYS A 13 7.16 6.95 10.87
C LYS A 13 5.93 6.80 9.97
N TRP A 14 4.76 6.65 10.54
CA TRP A 14 3.50 6.63 9.76
C TRP A 14 3.33 7.93 9.01
N ILE A 15 3.57 9.06 9.67
CA ILE A 15 3.43 10.34 8.96
C ILE A 15 4.40 10.45 7.77
N GLY A 16 5.63 9.99 8.00
CA GLY A 16 6.67 9.98 6.97
C GLY A 16 6.31 9.11 5.77
N ARG A 17 5.79 7.90 6.02
CA ARG A 17 5.37 7.01 4.90
C ARG A 17 4.28 7.78 4.14
N HIS A 18 3.34 8.34 4.90
CA HIS A 18 2.27 9.07 4.22
C HIS A 18 2.70 10.33 3.48
N LYS A 19 3.69 11.06 4.02
CA LYS A 19 4.19 12.22 3.27
C LYS A 19 4.88 11.81 1.96
N HIS A 20 5.67 10.72 2.02
CA HIS A 20 6.35 10.26 0.81
C HIS A 20 5.31 9.78 -0.23
N MET A 21 4.25 9.13 0.26
CA MET A 21 3.22 8.63 -0.69
C MET A 21 2.41 9.78 -1.30
N PHE A 22 2.09 10.79 -0.48
CA PHE A 22 1.34 11.96 -0.94
C PHE A 22 2.14 12.58 -2.10
N ASN A 23 3.43 12.80 -1.84
CA ASN A 23 4.39 13.31 -2.85
C ASN A 23 4.45 12.44 -4.12
N PHE A 24 4.48 11.13 -3.93
CA PHE A 24 4.49 10.18 -5.06
C PHE A 24 3.24 10.25 -5.93
N LEU A 25 2.06 10.42 -5.32
CA LEU A 25 0.80 10.48 -6.06
C LEU A 25 0.37 11.88 -6.52
N ASP A 26 1.05 12.90 -5.99
CA ASP A 26 0.81 14.32 -6.34
C ASP A 26 1.45 14.57 -7.70
N VAL A 27 0.75 14.16 -8.75
CA VAL A 27 1.27 14.05 -10.12
C VAL A 27 1.88 15.39 -10.61
N ASN A 28 1.25 16.51 -10.25
CA ASN A 28 1.73 17.83 -10.71
C ASN A 28 2.66 18.52 -9.73
N HIS A 29 2.96 17.84 -8.63
CA HIS A 29 3.97 18.28 -7.66
C HIS A 29 3.68 19.67 -7.06
N ASN A 30 2.40 20.00 -6.84
CA ASN A 30 2.02 21.30 -6.31
C ASN A 30 1.73 21.33 -4.82
N GLY A 31 1.74 20.15 -4.20
CA GLY A 31 1.64 20.07 -2.74
C GLY A 31 0.20 20.01 -2.28
N ARG A 32 -0.71 19.89 -3.23
CA ARG A 32 -2.12 19.60 -2.99
C ARG A 32 -2.50 18.35 -3.82
N ILE A 33 -3.47 17.57 -3.37
CA ILE A 33 -3.76 16.31 -4.05
C ILE A 33 -5.24 16.08 -4.31
N SER A 34 -5.56 15.52 -5.48
CA SER A 34 -6.93 15.11 -5.78
C SER A 34 -7.10 13.60 -5.95
N LEU A 35 -8.33 13.10 -5.90
CA LEU A 35 -8.57 11.68 -6.22
C LEU A 35 -8.17 11.36 -7.65
N ASP A 36 -8.31 12.37 -8.54
CA ASP A 36 -7.90 12.21 -9.92
C ASP A 36 -6.43 11.92 -9.96
N GLU A 37 -5.60 12.67 -9.22
CA GLU A 37 -4.15 12.39 -9.23
C GLU A 37 -3.90 10.97 -8.71
N MET A 38 -4.50 10.64 -7.56
CA MET A 38 -4.17 9.41 -6.88
C MET A 38 -4.55 8.20 -7.73
N VAL A 39 -5.76 8.20 -8.28
CA VAL A 39 -6.23 7.08 -9.08
C VAL A 39 -5.53 7.04 -10.43
N TYR A 40 -5.26 8.22 -11.02
CA TYR A 40 -4.48 8.26 -12.25
C TYR A 40 -3.11 7.58 -12.09
N LYS A 41 -2.32 7.99 -11.09
CA LYS A 41 -0.98 7.43 -10.93
C LYS A 41 -1.00 5.93 -10.59
N ALA A 42 -1.88 5.51 -9.67
CA ALA A 42 -2.02 4.08 -9.38
C ALA A 42 -2.38 3.22 -10.62
N SER A 43 -3.30 3.71 -11.44
CA SER A 43 -3.69 2.97 -12.67
C SER A 43 -2.54 2.94 -13.64
N ASP A 44 -1.88 4.08 -13.80
CA ASP A 44 -0.72 4.14 -14.69
C ASP A 44 0.37 3.12 -14.33
N ILE A 45 0.60 2.93 -13.04
CA ILE A 45 1.60 1.98 -12.61
C ILE A 45 1.17 0.55 -12.85
N VAL A 46 -0.07 0.20 -12.49
CA VAL A 46 -0.49 -1.19 -12.69
C VAL A 46 -0.52 -1.57 -14.18
N ILE A 47 -0.94 -0.64 -15.04
CA ILE A 47 -1.00 -0.93 -16.48
C ILE A 47 0.40 -0.95 -17.09
N ASN A 48 1.17 0.11 -16.86
CA ASN A 48 2.43 0.26 -17.57
C ASN A 48 3.69 -0.30 -16.90
N ASN A 49 3.71 -0.42 -15.58
CA ASN A 49 4.81 -1.10 -14.89
C ASN A 49 4.53 -2.54 -14.59
N LEU A 50 3.26 -2.88 -14.30
CA LEU A 50 3.00 -4.24 -13.86
C LEU A 50 2.23 -5.09 -14.89
N GLY A 51 1.95 -4.48 -16.01
CA GLY A 51 1.31 -5.20 -17.12
C GLY A 51 -0.09 -5.74 -16.85
N ALA A 52 -0.91 -5.00 -16.12
CA ALA A 52 -2.29 -5.43 -15.87
C ALA A 52 -3.08 -5.50 -17.18
N THR A 53 -3.84 -6.57 -17.35
CA THR A 53 -4.85 -6.62 -18.45
C THR A 53 -5.94 -5.60 -18.18
N PRO A 54 -6.69 -5.20 -19.22
CA PRO A 54 -7.88 -4.36 -19.03
C PRO A 54 -8.79 -4.79 -17.91
N GLU A 55 -9.09 -6.10 -17.76
CA GLU A 55 -9.98 -6.62 -16.74
C GLU A 55 -9.33 -6.36 -15.37
N GLN A 56 -8.07 -6.73 -15.26
CA GLN A 56 -7.25 -6.51 -14.05
C GLN A 56 -7.22 -5.04 -13.66
N ALA A 57 -6.96 -4.18 -14.63
CA ALA A 57 -6.89 -2.74 -14.36
C ALA A 57 -8.21 -2.14 -13.93
N LYS A 58 -9.33 -2.61 -14.49
CA LYS A 58 -10.63 -2.09 -14.07
C LYS A 58 -10.99 -2.51 -12.63
N ARG A 59 -10.75 -3.78 -12.29
CA ARG A 59 -10.95 -4.29 -10.94
C ARG A 59 -10.09 -3.48 -9.97
N HIS A 60 -8.85 -3.22 -10.35
CA HIS A 60 -7.94 -2.45 -9.45
C HIS A 60 -8.40 -1.02 -9.35
N LYS A 61 -8.88 -0.46 -10.46
CA LYS A 61 -9.32 0.92 -10.46
C LYS A 61 -10.49 1.10 -9.49
N ASP A 62 -11.44 0.17 -9.50
CA ASP A 62 -12.67 0.29 -8.73
C ASP A 62 -12.28 0.20 -7.26
N ALA A 63 -11.43 -0.77 -6.97
CA ALA A 63 -11.01 -0.96 -5.56
C ALA A 63 -10.12 0.19 -5.05
N VAL A 64 -9.19 0.68 -5.87
CA VAL A 64 -8.31 1.78 -5.38
C VAL A 64 -9.07 3.09 -5.20
N GLU A 65 -10.03 3.34 -6.10
CA GLU A 65 -10.98 4.42 -5.94
C GLU A 65 -11.77 4.37 -4.63
N ALA A 66 -12.21 3.18 -4.22
CA ALA A 66 -12.99 3.05 -2.97
C ALA A 66 -12.08 3.18 -1.74
N PHE A 67 -10.81 2.76 -1.91
CA PHE A 67 -9.83 2.77 -0.81
C PHE A 67 -9.44 4.23 -0.56
N PHE A 68 -8.90 4.87 -1.59
CA PHE A 68 -8.54 6.30 -1.48
C PHE A 68 -9.75 7.19 -1.18
N GLY A 69 -10.92 6.90 -1.76
CA GLY A 69 -12.15 7.60 -1.41
C GLY A 69 -12.53 7.53 0.05
N GLY A 70 -12.24 6.39 0.65
CA GLY A 70 -12.46 6.17 2.08
C GLY A 70 -11.63 7.08 2.95
N ALA A 71 -10.47 7.48 2.42
CA ALA A 71 -9.61 8.44 3.15
C ALA A 71 -10.13 9.88 2.97
N GLY A 72 -11.17 10.05 2.15
CA GLY A 72 -11.88 11.34 2.04
C GLY A 72 -11.56 12.12 0.76
N MET A 73 -10.83 11.49 -0.16
CA MET A 73 -10.41 12.19 -1.37
C MET A 73 -11.53 12.10 -2.35
N LYS A 74 -11.66 13.12 -3.19
CA LYS A 74 -12.78 13.16 -4.13
C LYS A 74 -12.30 13.63 -5.50
N TYR A 75 -13.00 13.19 -6.54
CA TYR A 75 -12.68 13.62 -7.89
C TYR A 75 -13.07 15.12 -8.03
N GLY A 76 -12.21 15.93 -8.64
CA GLY A 76 -12.51 17.34 -8.84
C GLY A 76 -12.17 18.26 -7.69
N VAL A 77 -11.67 17.70 -6.59
CA VAL A 77 -11.42 18.47 -5.40
C VAL A 77 -9.95 18.28 -5.07
N GLU A 78 -9.27 19.39 -4.77
CA GLU A 78 -7.88 19.36 -4.30
C GLU A 78 -7.88 19.37 -2.77
N THR A 79 -7.01 18.55 -2.18
CA THR A 79 -6.96 18.42 -0.74
C THR A 79 -5.58 18.81 -0.29
N GLU A 80 -5.50 19.59 0.78
CA GLU A 80 -4.23 19.98 1.29
C GLU A 80 -3.80 18.93 2.32
N TRP A 81 -2.52 18.96 2.66
CA TRP A 81 -1.94 17.98 3.58
C TRP A 81 -2.71 17.79 4.92
N PRO A 82 -3.05 18.85 5.66
CA PRO A 82 -3.67 18.61 6.98
C PRO A 82 -4.94 17.73 6.91
N GLU A 83 -5.75 18.03 5.90
CA GLU A 83 -7.03 17.38 5.68
C GLU A 83 -6.84 15.98 5.13
N TYR A 84 -5.86 15.86 4.24
CA TYR A 84 -5.43 14.58 3.68
C TYR A 84 -5.07 13.64 4.81
N ILE A 85 -4.17 14.09 5.69
CA ILE A 85 -3.66 13.16 6.72
C ILE A 85 -4.72 12.88 7.76
N GLU A 86 -5.57 13.87 8.08
CA GLU A 86 -6.67 13.60 9.02
C GLU A 86 -7.67 12.52 8.44
N GLY A 87 -7.95 12.64 7.15
CA GLY A 87 -8.74 11.66 6.40
C GLY A 87 -8.17 10.25 6.53
N TRP A 88 -6.84 10.11 6.42
CA TRP A 88 -6.21 8.78 6.55
C TRP A 88 -6.30 8.30 7.95
N LYS A 89 -6.07 9.19 8.93
CA LYS A 89 -6.24 8.78 10.33
C LYS A 89 -7.59 8.17 10.61
N ARG A 90 -8.64 8.76 10.03
CA ARG A 90 -10.03 8.38 10.31
C ARG A 90 -10.33 7.03 9.68
N LEU A 91 -9.86 6.91 8.45
CA LEU A 91 -10.03 5.66 7.71
C LEU A 91 -9.32 4.51 8.42
N ALA A 92 -8.08 4.77 8.82
CA ALA A 92 -7.25 3.76 9.47
C ALA A 92 -7.96 3.29 10.72
N SER A 93 -8.47 4.25 11.53
CA SER A 93 -9.12 3.88 12.79
C SER A 93 -10.35 3.01 12.55
N GLU A 94 -11.17 3.33 11.55
CA GLU A 94 -12.36 2.54 11.23
C GLU A 94 -12.02 1.17 10.67
N GLU A 95 -11.03 1.14 9.77
CA GLU A 95 -10.65 -0.11 9.12
C GLU A 95 -9.98 -1.02 10.09
N LEU A 96 -9.17 -0.50 11.03
CA LEU A 96 -8.54 -1.42 12.01
C LEU A 96 -9.56 -2.04 12.95
N LYS A 97 -10.67 -1.33 13.22
CA LYS A 97 -11.80 -1.91 13.97
C LYS A 97 -12.42 -3.07 13.18
N ARG A 98 -12.67 -2.83 11.88
CA ARG A 98 -13.22 -3.91 11.05
C ARG A 98 -12.30 -5.12 11.01
N TYR A 99 -11.01 -4.89 10.81
CA TYR A 99 -10.03 -5.94 10.75
C TYR A 99 -9.95 -6.72 12.06
N SER A 100 -10.06 -5.98 13.16
CA SER A 100 -10.02 -6.60 14.50
C SER A 100 -11.19 -7.57 14.73
N LYS A 101 -12.30 -7.27 14.06
CA LYS A 101 -13.52 -8.08 14.11
C LYS A 101 -13.58 -9.12 12.97
N ASN A 102 -12.46 -9.28 12.27
CA ASN A 102 -12.31 -10.25 11.21
C ASN A 102 -13.25 -9.95 10.03
N GLN A 103 -13.51 -8.66 9.79
CA GLN A 103 -14.42 -8.25 8.72
C GLN A 103 -13.63 -7.78 7.53
N ILE A 104 -14.32 -7.74 6.38
CA ILE A 104 -13.75 -7.18 5.15
C ILE A 104 -13.46 -5.68 5.29
N THR A 105 -12.34 -5.27 4.71
CA THR A 105 -11.96 -3.85 4.68
C THR A 105 -11.79 -3.35 3.27
N LEU A 106 -11.85 -2.03 3.09
CA LEU A 106 -11.48 -1.43 1.80
C LEU A 106 -10.08 -1.74 1.39
N ILE A 107 -9.15 -1.74 2.35
CA ILE A 107 -7.75 -2.04 1.97
C ILE A 107 -7.59 -3.52 1.55
N ARG A 108 -8.36 -4.41 2.15
CA ARG A 108 -8.26 -5.80 1.78
C ARG A 108 -8.78 -5.97 0.33
N LEU A 109 -9.87 -5.28 0.01
CA LEU A 109 -10.43 -5.34 -1.37
C LEU A 109 -9.45 -4.79 -2.38
N TRP A 110 -8.82 -3.64 -2.05
CA TRP A 110 -7.74 -3.12 -2.87
C TRP A 110 -6.59 -4.08 -3.04
N GLY A 111 -6.14 -4.64 -1.91
CA GLY A 111 -5.02 -5.55 -1.91
C GLY A 111 -5.30 -6.81 -2.69
N ASP A 112 -6.57 -7.25 -2.70
CA ASP A 112 -6.96 -8.42 -3.51
C ASP A 112 -6.81 -8.15 -5.03
N ALA A 113 -7.29 -7.00 -5.46
CA ALA A 113 -7.17 -6.65 -6.87
C ALA A 113 -5.70 -6.44 -7.29
N LEU A 114 -4.92 -5.75 -6.43
CA LEU A 114 -3.49 -5.63 -6.65
C LEU A 114 -2.78 -6.97 -6.69
N PHE A 115 -3.10 -7.86 -5.75
CA PHE A 115 -2.43 -9.15 -5.64
C PHE A 115 -2.50 -9.90 -6.99
N ASP A 116 -3.68 -9.97 -7.55
CA ASP A 116 -3.85 -10.66 -8.85
C ASP A 116 -2.89 -10.15 -9.94
N ILE A 117 -2.64 -8.83 -9.92
CA ILE A 117 -1.74 -8.21 -10.88
C ILE A 117 -0.27 -8.53 -10.54
N ILE A 118 0.14 -8.45 -9.28
CA ILE A 118 1.55 -8.74 -9.04
C ILE A 118 1.88 -10.24 -9.13
N ASP A 119 0.88 -11.08 -8.93
CA ASP A 119 1.03 -12.50 -9.13
C ASP A 119 1.06 -12.83 -10.62
N LYS A 120 2.18 -12.50 -11.25
CA LYS A 120 2.34 -12.76 -12.67
C LYS A 120 2.17 -14.24 -13.07
N ASP A 121 2.68 -15.21 -12.29
CA ASP A 121 2.58 -16.63 -12.71
C ASP A 121 1.27 -17.30 -12.26
N GLN A 122 0.33 -16.47 -11.77
CA GLN A 122 -0.99 -16.95 -11.34
C GLN A 122 -1.01 -18.22 -10.49
N ASN A 123 0.01 -18.43 -9.66
CA ASN A 123 0.06 -19.56 -8.71
C ASN A 123 -0.54 -19.24 -7.32
N GLY A 124 -1.04 -18.00 -7.17
CA GLY A 124 -1.67 -17.53 -5.94
C GLY A 124 -0.71 -17.18 -4.81
N ALA A 125 0.55 -16.89 -5.15
CA ALA A 125 1.56 -16.55 -4.13
C ALA A 125 2.58 -15.64 -4.80
N ILE A 126 3.20 -14.77 -4.00
CA ILE A 126 4.15 -13.82 -4.61
C ILE A 126 5.54 -14.32 -4.40
N SER A 127 6.26 -14.62 -5.50
CA SER A 127 7.65 -14.99 -5.37
C SER A 127 8.51 -13.73 -5.07
N LEU A 128 9.75 -13.97 -4.74
CA LEU A 128 10.72 -12.87 -4.62
C LEU A 128 10.82 -12.02 -5.88
N ASP A 129 10.91 -12.65 -7.05
CA ASP A 129 10.95 -11.87 -8.27
C ASP A 129 9.73 -11.00 -8.47
N GLU A 130 8.57 -11.56 -8.11
CA GLU A 130 7.32 -10.83 -8.26
C GLU A 130 7.30 -9.61 -7.31
N TRP A 131 7.85 -9.82 -6.15
CA TRP A 131 7.95 -8.78 -5.11
C TRP A 131 8.93 -7.70 -5.53
N LYS A 132 10.03 -8.09 -6.14
CA LYS A 132 10.99 -7.11 -6.67
C LYS A 132 10.30 -6.20 -7.69
N ALA A 133 9.49 -6.77 -8.60
CA ALA A 133 8.82 -5.94 -9.53
C ALA A 133 7.82 -5.02 -8.87
N TYR A 134 7.11 -5.52 -7.86
CA TYR A 134 6.12 -4.70 -7.22
C TYR A 134 6.80 -3.53 -6.48
N THR A 135 7.88 -3.84 -5.76
CA THR A 135 8.55 -2.77 -4.96
C THR A 135 9.06 -1.69 -5.89
N LYS A 136 9.56 -2.10 -7.07
CA LYS A 136 10.01 -1.11 -8.02
C LYS A 136 8.89 -0.24 -8.55
N SER A 137 7.70 -0.83 -8.75
CA SER A 137 6.51 -0.13 -9.24
C SER A 137 6.07 0.99 -8.26
N ALA A 138 6.36 0.83 -6.98
CA ALA A 138 5.96 1.78 -5.95
C ALA A 138 7.00 2.86 -5.82
N GLY A 139 8.02 2.82 -6.67
CA GLY A 139 8.99 3.90 -6.77
C GLY A 139 10.23 3.71 -5.92
N ILE A 140 10.31 2.56 -5.26
CA ILE A 140 11.42 2.22 -4.39
C ILE A 140 12.64 1.82 -5.21
N ILE A 141 13.74 2.47 -4.88
CA ILE A 141 15.07 2.05 -5.36
C ILE A 141 15.85 1.50 -4.21
N GLN A 142 16.33 0.26 -4.34
CA GLN A 142 17.11 -0.34 -3.21
C GLN A 142 17.88 -1.53 -3.70
N SER A 143 18.90 -1.91 -2.95
CA SER A 143 19.70 -3.10 -3.30
C SER A 143 18.85 -4.36 -3.25
N SER A 144 19.33 -5.39 -3.96
CA SER A 144 18.86 -6.74 -3.76
C SER A 144 18.74 -7.18 -2.32
N GLU A 145 19.75 -6.94 -1.50
CA GLU A 145 19.73 -7.32 -0.08
C GLU A 145 18.59 -6.67 0.70
N ASP A 146 18.32 -5.38 0.42
CA ASP A 146 17.24 -4.69 1.11
C ASP A 146 15.86 -5.19 0.69
N CYS A 147 15.72 -5.46 -0.59
CA CYS A 147 14.52 -6.04 -1.13
C CYS A 147 14.25 -7.43 -0.50
N GLU A 148 15.30 -8.21 -0.35
CA GLU A 148 15.17 -9.53 0.28
C GLU A 148 14.82 -9.46 1.74
N GLU A 149 15.33 -8.46 2.45
CA GLU A 149 14.98 -8.31 3.83
C GLU A 149 13.49 -7.96 3.97
N THR A 150 12.96 -7.04 3.14
CA THR A 150 11.55 -6.70 3.35
C THR A 150 10.66 -7.85 2.91
N PHE A 151 11.13 -8.61 1.90
CA PHE A 151 10.44 -9.88 1.57
C PHE A 151 10.42 -10.81 2.79
N ARG A 152 11.56 -11.02 3.47
CA ARG A 152 11.58 -11.92 4.66
C ARG A 152 10.70 -11.46 5.82
N VAL A 153 10.71 -10.14 6.03
CA VAL A 153 9.74 -9.55 6.92
C VAL A 153 8.27 -9.78 6.59
N CYS A 154 7.90 -9.72 5.30
CA CYS A 154 6.56 -10.01 4.85
C CYS A 154 6.21 -11.50 4.98
N ASP A 155 7.22 -12.31 4.79
CA ASP A 155 7.00 -13.79 4.65
C ASP A 155 6.99 -14.46 6.04
N ILE A 156 5.90 -14.22 6.76
CA ILE A 156 5.82 -14.60 8.17
C ILE A 156 6.10 -16.11 8.44
N ASP A 157 5.57 -16.97 7.59
CA ASP A 157 5.79 -18.43 7.82
C ASP A 157 7.03 -18.95 7.15
N GLU A 158 7.79 -18.04 6.55
CA GLU A 158 9.04 -18.34 5.87
C GLU A 158 8.87 -19.45 4.84
N SER A 159 7.74 -19.45 4.18
CA SER A 159 7.44 -20.42 3.12
C SER A 159 8.25 -20.17 1.85
N GLY A 160 8.81 -18.95 1.71
CA GLY A 160 9.50 -18.56 0.50
C GLY A 160 8.68 -17.81 -0.53
N GLN A 161 7.35 -17.74 -0.32
CA GLN A 161 6.45 -16.92 -1.11
C GLN A 161 5.40 -16.25 -0.25
N LEU A 162 4.85 -15.16 -0.82
CA LEU A 162 3.92 -14.37 0.00
C LEU A 162 2.50 -14.67 -0.37
N ASP A 163 1.73 -15.11 0.63
CA ASP A 163 0.31 -15.33 0.43
C ASP A 163 -0.58 -14.08 0.57
N VAL A 164 -1.87 -14.23 0.24
CA VAL A 164 -2.81 -13.12 0.36
C VAL A 164 -2.83 -12.52 1.77
N ASP A 165 -2.84 -13.35 2.81
CA ASP A 165 -2.88 -12.86 4.21
C ASP A 165 -1.59 -12.08 4.55
N GLU A 166 -0.45 -12.62 4.16
CA GLU A 166 0.84 -11.90 4.33
C GLU A 166 0.85 -10.56 3.63
N MET A 167 0.33 -10.54 2.39
CA MET A 167 0.29 -9.27 1.67
C MET A 167 -0.73 -8.33 2.30
N THR A 168 -1.85 -8.80 2.84
CA THR A 168 -2.79 -7.94 3.55
C THR A 168 -2.14 -7.29 4.77
N ARG A 169 -1.41 -8.09 5.53
CA ARG A 169 -0.74 -7.54 6.72
C ARG A 169 0.26 -6.48 6.29
N GLN A 170 0.92 -6.71 5.14
CA GLN A 170 1.88 -5.78 4.59
C GLN A 170 1.21 -4.43 4.35
N HIS A 171 0.09 -4.46 3.66
CA HIS A 171 -0.64 -3.20 3.40
C HIS A 171 -1.13 -2.57 4.66
N LEU A 172 -1.65 -3.37 5.60
CA LEU A 172 -2.20 -2.80 6.83
C LEU A 172 -1.09 -2.05 7.59
N GLY A 173 0.09 -2.68 7.67
CA GLY A 173 1.23 -2.10 8.37
C GLY A 173 1.68 -0.77 7.77
N PHE A 174 1.65 -0.66 6.43
CA PHE A 174 2.09 0.55 5.75
C PHE A 174 1.07 1.67 5.86
N TRP A 175 -0.19 1.39 5.53
CA TRP A 175 -1.17 2.47 5.41
C TRP A 175 -1.78 2.85 6.71
N TYR A 176 -1.99 1.90 7.64
CA TYR A 176 -2.84 2.17 8.80
C TYR A 176 -2.14 2.11 10.15
N THR A 177 -1.11 1.29 10.28
CA THR A 177 -0.60 0.97 11.63
C THR A 177 0.21 2.14 12.16
N MET A 178 -0.17 2.61 13.34
CA MET A 178 0.52 3.75 13.99
C MET A 178 1.84 3.27 14.60
N ASP A 179 2.75 4.21 14.90
CA ASP A 179 4.06 3.88 15.50
C ASP A 179 3.92 3.07 16.82
N PRO A 180 4.79 2.10 17.07
CA PRO A 180 4.70 1.40 18.37
C PRO A 180 4.71 2.44 19.51
N ALA A 181 3.97 2.16 20.57
CA ALA A 181 3.88 3.03 21.76
C ALA A 181 5.22 3.15 22.54
N CYS A 182 5.95 2.03 22.61
CA CYS A 182 7.19 1.95 23.38
C CYS A 182 8.32 1.52 22.52
N GLU A 183 9.52 1.93 22.96
CA GLU A 183 10.76 1.57 22.29
C GLU A 183 11.25 0.25 22.82
N LYS A 184 12.16 -0.35 22.04
CA LYS A 184 12.76 -1.57 22.49
C LYS A 184 14.17 -1.20 22.90
N LEU A 185 14.69 -2.02 23.78
CA LEU A 185 16.10 -1.98 24.05
C LEU A 185 16.83 -2.13 22.67
N TYR A 186 17.87 -1.32 22.45
CA TYR A 186 18.73 -1.38 21.26
C TYR A 186 18.02 -1.00 20.00
N GLY A 187 16.96 -0.19 20.15
CA GLY A 187 16.11 0.16 19.04
C GLY A 187 15.56 -1.04 18.32
N GLY A 188 15.47 -2.18 19.04
CA GLY A 188 14.97 -3.41 18.49
C GLY A 188 16.00 -4.30 17.83
N ALA A 189 17.29 -3.95 17.91
CA ALA A 189 18.35 -4.81 17.36
C ALA A 189 18.78 -5.87 18.33
N VAL A 190 19.41 -6.91 17.79
CA VAL A 190 19.88 -8.05 18.59
C VAL A 190 21.40 -8.14 18.54
N PRO A 191 22.07 -8.16 19.70
CA PRO A 191 23.53 -8.21 19.69
C PRO A 191 24.19 -9.44 19.08
#